data_2ZFL
#
_entry.id   2ZFL
#
_cell.length_a   41.203
_cell.length_b   51.857
_cell.length_c   155.529
_cell.angle_alpha   90.00
_cell.angle_beta   90.00
_cell.angle_gamma   90.00
#
_symmetry.space_group_name_H-M   'P 21 21 21'
#
loop_
_entity.id
_entity.type
_entity.pdbx_description
1 polymer 'Kinesin-like protein KIF1A, Kinesin heavy chain isoform 5C'
2 non-polymer "ADENOSINE-5'-DIPHOSPHATE"
3 water water
#
_entity_poly.entity_id   1
_entity_poly.type   'polypeptide(L)'
_entity_poly.pdbx_seq_one_letter_code
;MAGASVKVAVRVRPFNSREMSRDSKCIIQMSGSTTTIVNPKQPKETPKSFSFDYSYWSHTSPEDINYASQKQVYRDIGEE
MLQHAFEGYNVCIFAYGQTGAGKSYTMMGKQEKDQQGIIPQLCEDLFSRINDTTNDNMSYSVEVSYMEIYCERVRDLLNP
KNKGNLRVREHPLLGPYVEDLSKLAVTSYNDIQDLMDSGNKPRTVAATNMNETSSRSHAVFNIIFTQKRHDAETNITTEK
VSKISLVDLAGSERADSTGAKGTRLKEGANINKSLTTLGKVISALAEMDSGPNKNKKKKKTDFIPYRDSVLTWLLRENLG
GNSRTAMVAALSPADINYDETLSTLRYADRAKQIRNTVSVNHHHHH
;
_entity_poly.pdbx_strand_id   A
#
loop_
_chem_comp.id
_chem_comp.type
_chem_comp.name
_chem_comp.formula
ADP non-polymer ADENOSINE-5'-DIPHOSPHATE 'C10 H15 N5 O10 P2'
#
# COMPACT_ATOMS: atom_id res chain seq x y z
N ALA A 4 -5.46 15.90 5.33
CA ALA A 4 -4.41 16.89 4.92
C ALA A 4 -3.56 16.28 3.83
N SER A 5 -2.34 16.76 3.72
CA SER A 5 -1.42 16.26 2.71
C SER A 5 -1.26 14.74 2.74
N VAL A 6 -0.25 14.27 2.01
CA VAL A 6 0.03 12.85 1.91
C VAL A 6 1.38 12.51 2.55
N LYS A 7 1.32 11.69 3.57
CA LYS A 7 2.52 11.27 4.26
C LYS A 7 3.25 10.27 3.39
N VAL A 8 4.57 10.39 3.38
CA VAL A 8 5.40 9.50 2.61
C VAL A 8 6.47 8.84 3.47
N ALA A 9 6.57 7.52 3.34
CA ALA A 9 7.55 6.76 4.11
C ALA A 9 8.35 5.88 3.16
N VAL A 10 9.62 5.63 3.49
CA VAL A 10 10.51 4.81 2.68
C VAL A 10 11.08 3.69 3.54
N ARG A 11 11.53 2.61 2.90
CA ARG A 11 12.08 1.51 3.66
C ARG A 11 13.24 0.86 2.93
N VAL A 12 14.24 0.42 3.69
CA VAL A 12 15.38 -0.28 3.11
C VAL A 12 15.38 -1.68 3.72
N ARG A 13 15.39 -2.67 2.86
CA ARG A 13 15.36 -4.06 3.26
C ARG A 13 16.76 -4.65 3.34
N PRO A 14 16.84 -5.94 3.72
CA PRO A 14 18.17 -6.58 3.78
C PRO A 14 18.50 -7.03 2.37
N PHE A 15 19.71 -7.54 2.18
CA PHE A 15 20.14 -8.01 0.87
C PHE A 15 19.37 -9.30 0.57
N ASN A 16 19.11 -9.56 -0.71
CA ASN A 16 18.42 -10.77 -1.11
C ASN A 16 19.48 -11.78 -1.56
N SER A 17 19.09 -12.85 -2.24
CA SER A 17 20.04 -13.87 -2.70
C SER A 17 20.88 -13.37 -3.86
N ARG A 18 20.27 -12.59 -4.72
CA ARG A 18 20.91 -12.01 -5.88
C ARG A 18 21.97 -10.96 -5.48
N GLU A 19 21.61 -10.11 -4.52
CA GLU A 19 22.53 -9.07 -4.05
C GLU A 19 23.75 -9.67 -3.40
N MET A 20 23.56 -10.65 -2.53
CA MET A 20 24.67 -11.31 -1.87
C MET A 20 25.48 -12.16 -2.86
N SER A 21 24.83 -12.66 -3.90
CA SER A 21 25.54 -13.47 -4.87
C SER A 21 26.43 -12.60 -5.75
N ARG A 22 26.18 -11.30 -5.76
CA ARG A 22 27.00 -10.38 -6.54
C ARG A 22 27.89 -9.60 -5.58
N ASP A 23 27.79 -9.97 -4.31
CA ASP A 23 28.57 -9.35 -3.24
C ASP A 23 28.36 -7.84 -3.18
N SER A 24 27.16 -7.39 -3.52
CA SER A 24 26.83 -5.96 -3.50
C SER A 24 27.16 -5.30 -2.19
N LYS A 25 27.17 -3.98 -2.21
CA LYS A 25 27.45 -3.21 -1.02
C LYS A 25 26.26 -2.32 -0.76
N CYS A 26 26.09 -1.95 0.51
CA CYS A 26 24.97 -1.12 0.89
C CYS A 26 25.20 0.32 0.44
N ILE A 27 24.25 0.90 -0.26
CA ILE A 27 24.44 2.27 -0.71
C ILE A 27 23.34 3.20 -0.23
N ILE A 28 22.60 2.73 0.77
CA ILE A 28 21.49 3.48 1.36
C ILE A 28 21.89 3.76 2.82
N GLN A 29 21.78 5.01 3.24
CA GLN A 29 22.11 5.35 4.61
C GLN A 29 20.88 6.08 5.10
N MET A 30 20.62 5.99 6.39
CA MET A 30 19.48 6.66 6.95
C MET A 30 19.78 7.06 8.38
N SER A 31 19.37 8.29 8.72
CA SER A 31 19.51 8.85 10.06
C SER A 31 18.37 9.87 10.24
N GLY A 32 17.68 9.80 11.37
CA GLY A 32 16.57 10.69 11.60
C GLY A 32 15.52 10.28 10.59
N SER A 33 14.86 11.25 9.98
CA SER A 33 13.85 10.92 8.99
C SER A 33 14.49 11.07 7.60
N THR A 34 15.80 11.22 7.57
CA THR A 34 16.47 11.42 6.30
C THR A 34 17.23 10.21 5.80
N THR A 35 17.05 9.91 4.53
CA THR A 35 17.72 8.80 3.90
C THR A 35 18.67 9.35 2.84
N THR A 36 19.89 8.81 2.82
CA THR A 36 20.90 9.22 1.85
C THR A 36 21.20 8.01 0.96
N ILE A 37 21.68 8.29 -0.26
CA ILE A 37 22.01 7.25 -1.22
C ILE A 37 23.33 7.56 -1.92
N VAL A 38 24.19 6.55 -2.05
CA VAL A 38 25.50 6.71 -2.69
C VAL A 38 25.56 6.09 -4.09
N ASN A 39 26.34 6.73 -4.97
CA ASN A 39 26.49 6.26 -6.34
C ASN A 39 27.72 5.35 -6.47
N PRO A 40 27.51 4.02 -6.55
CA PRO A 40 28.62 3.08 -6.66
C PRO A 40 29.47 3.26 -7.93
N LYS A 41 28.82 3.40 -9.08
CA LYS A 41 29.59 3.56 -10.29
C LYS A 41 30.14 4.97 -10.48
N GLN A 42 30.17 5.74 -9.39
CA GLN A 42 30.70 7.10 -9.39
C GLN A 42 30.88 7.52 -7.93
N PRO A 43 31.60 6.70 -7.12
CA PRO A 43 31.82 7.02 -5.71
C PRO A 43 32.33 8.42 -5.48
N LYS A 44 32.64 9.12 -6.56
CA LYS A 44 33.14 10.48 -6.43
C LYS A 44 32.02 11.50 -6.24
N GLU A 45 30.87 11.25 -6.84
CA GLU A 45 29.74 12.15 -6.72
C GLU A 45 29.22 12.21 -5.30
N THR A 46 28.74 13.40 -4.92
CA THR A 46 28.18 13.63 -3.59
C THR A 46 26.91 12.81 -3.35
N PRO A 47 26.90 11.96 -2.32
CA PRO A 47 25.70 11.16 -2.06
C PRO A 47 24.52 12.09 -1.81
N LYS A 48 23.51 12.00 -2.68
CA LYS A 48 22.32 12.84 -2.53
C LYS A 48 21.37 12.33 -1.44
N SER A 49 20.89 13.26 -0.61
CA SER A 49 20.01 12.94 0.49
C SER A 49 18.60 13.48 0.34
N PHE A 50 17.63 12.64 0.71
CA PHE A 50 16.23 13.00 0.64
C PHE A 50 15.66 12.88 2.06
N SER A 51 14.69 13.74 2.37
CA SER A 51 14.03 13.74 3.68
C SER A 51 12.55 13.43 3.57
N PHE A 52 12.06 12.51 4.40
CA PHE A 52 10.64 12.13 4.39
C PHE A 52 10.07 11.96 5.77
N ASP A 53 8.77 11.74 5.83
CA ASP A 53 8.11 11.57 7.10
C ASP A 53 8.68 10.38 7.84
N TYR A 54 9.13 9.37 7.10
CA TYR A 54 9.73 8.16 7.69
C TYR A 54 10.82 7.60 6.79
N SER A 55 11.98 7.31 7.38
CA SER A 55 13.08 6.75 6.61
C SER A 55 13.49 5.52 7.35
N TYR A 56 12.67 4.49 7.20
CA TYR A 56 12.86 3.21 7.87
C TYR A 56 14.12 2.41 7.56
N TRP A 57 14.81 2.01 8.61
CA TRP A 57 16.01 1.23 8.43
C TRP A 57 15.79 -0.24 8.82
N SER A 58 15.63 -1.08 7.81
CA SER A 58 15.42 -2.50 8.05
C SER A 58 16.37 -3.36 7.24
N HIS A 59 17.60 -2.87 7.11
CA HIS A 59 18.66 -3.56 6.36
C HIS A 59 19.19 -4.75 7.15
N THR A 60 19.47 -4.49 8.42
CA THR A 60 20.01 -5.47 9.34
C THR A 60 18.99 -6.57 9.70
N SER A 61 18.64 -6.70 10.98
CA SER A 61 17.66 -7.71 11.37
C SER A 61 16.98 -7.42 12.72
N PRO A 62 15.86 -8.11 13.00
CA PRO A 62 15.13 -7.91 14.27
C PRO A 62 16.01 -8.10 15.53
N GLU A 63 17.27 -8.49 15.34
CA GLU A 63 18.16 -8.67 16.47
C GLU A 63 18.78 -7.33 16.76
N ASP A 64 18.91 -6.54 15.70
CA ASP A 64 19.46 -5.20 15.77
C ASP A 64 18.47 -4.33 16.54
N ILE A 65 18.95 -3.30 17.21
CA ILE A 65 18.03 -2.44 17.98
C ILE A 65 17.41 -1.37 17.09
N ASN A 66 18.19 -0.81 16.18
CA ASN A 66 17.68 0.24 15.30
C ASN A 66 16.98 -0.27 14.02
N TYR A 67 16.49 -1.51 14.07
CA TYR A 67 15.75 -2.12 12.96
C TYR A 67 14.29 -1.66 13.01
N ALA A 68 13.68 -1.41 11.86
CA ALA A 68 12.29 -0.97 11.85
C ALA A 68 11.39 -2.18 11.64
N SER A 69 10.87 -2.74 12.73
CA SER A 69 9.99 -3.91 12.62
C SER A 69 8.68 -3.50 11.99
N GLN A 70 8.09 -4.43 11.27
CA GLN A 70 6.84 -4.14 10.60
C GLN A 70 5.79 -3.61 11.57
N LYS A 71 5.94 -3.96 12.83
CA LYS A 71 4.99 -3.50 13.83
C LYS A 71 5.23 -2.00 14.02
N GLN A 72 6.49 -1.58 13.82
CA GLN A 72 6.91 -0.19 13.98
C GLN A 72 6.45 0.69 12.82
N VAL A 73 6.37 0.09 11.64
CA VAL A 73 5.94 0.82 10.47
C VAL A 73 4.41 0.93 10.41
N TYR A 74 3.72 -0.02 11.04
CA TYR A 74 2.25 0.00 11.04
C TYR A 74 1.79 1.09 11.98
N ARG A 75 2.28 0.99 13.21
CA ARG A 75 1.99 1.91 14.28
C ARG A 75 2.01 3.38 13.87
N ASP A 76 2.96 3.73 13.00
CA ASP A 76 3.05 5.10 12.55
C ASP A 76 2.03 5.32 11.45
N ILE A 77 2.25 4.68 10.31
CA ILE A 77 1.36 4.82 9.16
C ILE A 77 0.03 4.09 9.26
N GLY A 78 0.08 2.77 9.29
CA GLY A 78 -1.15 2.01 9.36
C GLY A 78 -2.08 2.41 10.49
N GLU A 79 -1.60 2.24 11.71
CA GLU A 79 -2.37 2.54 12.90
C GLU A 79 -2.86 3.97 12.91
N GLU A 80 -2.44 4.73 11.91
CA GLU A 80 -2.84 6.12 11.80
C GLU A 80 -3.99 6.25 10.82
N MET A 81 -3.90 5.48 9.74
CA MET A 81 -4.93 5.51 8.72
C MET A 81 -6.20 4.91 9.23
N LEU A 82 -6.09 3.88 10.08
CA LEU A 82 -7.28 3.25 10.63
C LEU A 82 -7.99 4.31 11.44
N GLN A 83 -7.21 5.06 12.20
CA GLN A 83 -7.71 6.14 13.04
C GLN A 83 -8.59 7.07 12.22
N HIS A 84 -8.06 7.51 11.08
CA HIS A 84 -8.79 8.43 10.21
C HIS A 84 -9.94 7.74 9.48
N ALA A 85 -9.82 6.42 9.30
CA ALA A 85 -10.90 5.65 8.68
C ALA A 85 -12.06 5.79 9.67
N PHE A 86 -11.80 5.40 10.91
CA PHE A 86 -12.78 5.50 11.99
C PHE A 86 -13.35 6.91 12.01
N GLU A 87 -12.51 7.90 11.76
CA GLU A 87 -12.92 9.30 11.76
C GLU A 87 -13.82 9.56 10.55
N GLY A 88 -14.17 8.50 9.84
CA GLY A 88 -15.06 8.64 8.70
C GLY A 88 -14.36 9.03 7.42
N TYR A 89 -13.05 9.25 7.50
CA TYR A 89 -12.25 9.61 6.34
C TYR A 89 -11.83 8.44 5.44
N ASN A 90 -11.61 8.75 4.15
CA ASN A 90 -11.16 7.75 3.19
C ASN A 90 -9.66 7.69 3.26
N VAL A 91 -9.10 6.48 3.26
CA VAL A 91 -7.66 6.33 3.37
C VAL A 91 -7.08 5.50 2.25
N CYS A 92 -5.78 5.69 2.02
CA CYS A 92 -5.08 4.97 0.98
C CYS A 92 -3.62 4.76 1.33
N ILE A 93 -3.20 3.50 1.31
CA ILE A 93 -1.81 3.16 1.61
C ILE A 93 -1.33 2.30 0.45
N PHE A 94 -0.36 2.80 -0.30
CA PHE A 94 0.11 2.01 -1.41
C PHE A 94 1.60 1.85 -1.40
N ALA A 95 2.05 0.59 -1.51
CA ALA A 95 3.47 0.27 -1.56
C ALA A 95 4.00 0.54 -2.97
N TYR A 96 5.04 1.36 -3.06
CA TYR A 96 5.63 1.71 -4.35
C TYR A 96 7.04 1.24 -4.42
N GLY A 97 7.40 0.65 -5.54
CA GLY A 97 8.77 0.22 -5.63
C GLY A 97 9.21 -0.64 -6.78
N GLN A 98 10.42 -1.15 -6.61
CA GLN A 98 11.06 -2.01 -7.56
C GLN A 98 10.66 -3.45 -7.22
N THR A 99 10.71 -4.34 -8.19
CA THR A 99 10.39 -5.72 -7.91
C THR A 99 11.31 -6.14 -6.76
N GLY A 100 10.88 -7.10 -5.96
CA GLY A 100 11.69 -7.56 -4.85
C GLY A 100 12.26 -6.45 -3.97
N ALA A 101 11.65 -5.26 -3.99
CA ALA A 101 12.14 -4.12 -3.21
C ALA A 101 11.64 -4.19 -1.76
N GLY A 102 10.53 -4.89 -1.57
CA GLY A 102 9.94 -5.02 -0.26
C GLY A 102 8.49 -4.53 -0.15
N LYS A 103 7.79 -4.38 -1.27
CA LYS A 103 6.41 -3.90 -1.18
C LYS A 103 5.53 -4.94 -0.52
N SER A 104 5.44 -6.12 -1.12
CA SER A 104 4.63 -7.22 -0.61
C SER A 104 4.96 -7.65 0.81
N TYR A 105 6.15 -7.33 1.27
CA TYR A 105 6.49 -7.70 2.61
C TYR A 105 6.02 -6.58 3.52
N THR A 106 6.05 -5.35 3.03
CA THR A 106 5.63 -4.21 3.83
C THR A 106 4.13 -4.22 3.99
N MET A 107 3.42 -4.55 2.90
CA MET A 107 1.96 -4.58 2.88
C MET A 107 1.36 -5.79 3.53
N MET A 108 1.66 -6.94 2.94
CA MET A 108 1.16 -8.21 3.45
C MET A 108 2.19 -8.82 4.40
N GLY A 109 3.45 -8.96 3.96
CA GLY A 109 4.46 -9.55 4.82
C GLY A 109 4.31 -11.05 4.89
N LYS A 110 4.67 -11.64 6.03
CA LYS A 110 4.56 -13.08 6.22
C LYS A 110 3.69 -13.44 7.42
N GLN A 111 3.13 -14.64 7.37
CA GLN A 111 2.25 -15.14 8.43
C GLN A 111 3.04 -15.92 9.46
N GLU A 112 3.88 -15.25 10.22
CA GLU A 112 4.66 -15.91 11.26
C GLU A 112 5.71 -14.98 11.84
N LYS A 113 6.43 -15.44 12.85
CA LYS A 113 7.46 -14.63 13.48
C LYS A 113 7.03 -13.18 13.66
N ASP A 114 5.73 -12.96 13.86
CA ASP A 114 5.25 -11.59 14.05
C ASP A 114 5.74 -10.75 12.85
N GLN A 115 5.56 -11.31 11.67
CA GLN A 115 5.98 -10.71 10.40
C GLN A 115 4.83 -10.23 9.53
N GLN A 116 3.66 -10.00 10.11
CA GLN A 116 2.52 -9.55 9.31
C GLN A 116 2.69 -8.09 8.87
N GLY A 117 2.55 -7.86 7.57
CA GLY A 117 2.70 -6.52 7.02
C GLY A 117 1.70 -5.50 7.53
N ILE A 118 1.54 -4.41 6.77
CA ILE A 118 0.62 -3.35 7.13
C ILE A 118 -0.82 -3.85 7.07
N ILE A 119 -1.21 -4.46 5.95
CA ILE A 119 -2.58 -4.95 5.76
C ILE A 119 -3.11 -5.79 6.93
N PRO A 120 -2.53 -6.98 7.16
CA PRO A 120 -3.03 -7.79 8.28
C PRO A 120 -3.17 -7.02 9.61
N GLN A 121 -2.14 -6.24 9.96
CA GLN A 121 -2.15 -5.45 11.19
C GLN A 121 -3.30 -4.46 11.25
N LEU A 122 -3.68 -3.91 10.10
CA LEU A 122 -4.77 -2.94 10.09
C LEU A 122 -6.05 -3.69 10.31
N CYS A 123 -6.19 -4.81 9.65
CA CYS A 123 -7.39 -5.60 9.80
C CYS A 123 -7.56 -6.03 11.22
N GLU A 124 -6.57 -6.72 11.76
CA GLU A 124 -6.62 -7.20 13.14
C GLU A 124 -6.95 -6.09 14.12
N ASP A 125 -6.40 -4.92 13.85
CA ASP A 125 -6.58 -3.71 14.68
C ASP A 125 -7.99 -3.12 14.49
N LEU A 126 -8.52 -3.29 13.29
CA LEU A 126 -9.85 -2.80 13.00
C LEU A 126 -10.86 -3.52 13.87
N PHE A 127 -10.83 -4.87 13.80
CA PHE A 127 -11.76 -5.68 14.58
C PHE A 127 -11.48 -5.61 16.05
N SER A 128 -10.23 -5.41 16.43
CA SER A 128 -9.91 -5.28 17.85
C SER A 128 -10.73 -4.09 18.32
N ARG A 129 -10.46 -2.94 17.71
CA ARG A 129 -11.13 -1.68 18.01
C ARG A 129 -12.65 -1.81 17.94
N ILE A 130 -13.14 -2.81 17.21
CA ILE A 130 -14.58 -3.00 17.08
C ILE A 130 -15.25 -3.83 18.17
N ASN A 131 -14.61 -4.92 18.57
CA ASN A 131 -15.19 -5.77 19.60
C ASN A 131 -15.03 -5.18 20.98
N ASP A 132 -14.20 -4.15 21.10
CA ASP A 132 -14.00 -3.52 22.39
C ASP A 132 -15.13 -2.51 22.55
N THR A 133 -16.00 -2.40 21.54
CA THR A 133 -17.11 -1.46 21.56
C THR A 133 -18.14 -1.81 22.63
N THR A 134 -18.25 -0.92 23.63
CA THR A 134 -19.19 -1.10 24.74
C THR A 134 -20.51 -0.38 24.47
N ASN A 135 -20.44 0.80 23.85
CA ASN A 135 -21.63 1.59 23.53
C ASN A 135 -22.56 0.80 22.62
N ASP A 136 -23.62 0.26 23.20
CA ASP A 136 -24.58 -0.52 22.44
C ASP A 136 -25.18 0.27 21.27
N ASN A 137 -25.02 1.59 21.31
CA ASN A 137 -25.55 2.47 20.27
C ASN A 137 -24.75 2.38 18.97
N MET A 138 -23.76 1.50 18.98
CA MET A 138 -22.92 1.34 17.81
C MET A 138 -22.95 -0.07 17.25
N SER A 139 -23.02 -0.14 15.92
CA SER A 139 -22.98 -1.40 15.19
C SER A 139 -22.07 -1.12 13.98
N TYR A 140 -21.25 -2.10 13.60
CA TYR A 140 -20.32 -1.93 12.49
C TYR A 140 -20.56 -2.89 11.35
N SER A 141 -20.10 -2.47 10.17
CA SER A 141 -20.21 -3.24 8.95
C SER A 141 -18.85 -3.24 8.25
N VAL A 142 -18.37 -4.43 7.89
CA VAL A 142 -17.08 -4.57 7.21
C VAL A 142 -17.11 -5.55 6.03
N GLU A 143 -17.21 -4.97 4.83
CA GLU A 143 -17.22 -5.70 3.57
C GLU A 143 -15.91 -5.44 2.86
N VAL A 144 -15.21 -6.51 2.50
CA VAL A 144 -13.92 -6.39 1.84
C VAL A 144 -13.90 -6.94 0.41
N SER A 145 -12.96 -6.41 -0.37
CA SER A 145 -12.76 -6.81 -1.76
C SER A 145 -11.28 -7.09 -1.88
N TYR A 146 -10.85 -7.63 -3.02
CA TYR A 146 -9.43 -7.89 -3.20
C TYR A 146 -9.16 -8.27 -4.65
N MET A 147 -8.77 -7.26 -5.42
CA MET A 147 -8.57 -7.45 -6.83
C MET A 147 -7.15 -7.25 -7.23
N GLU A 148 -6.85 -7.66 -8.46
CA GLU A 148 -5.52 -7.50 -9.05
C GLU A 148 -5.66 -6.85 -10.41
N ILE A 149 -4.86 -5.81 -10.65
CA ILE A 149 -4.88 -5.13 -11.94
C ILE A 149 -3.60 -5.49 -12.65
N TYR A 150 -3.71 -6.45 -13.57
CA TYR A 150 -2.58 -6.91 -14.37
C TYR A 150 -2.67 -6.46 -15.83
N CYS A 151 -2.07 -5.31 -16.11
CA CYS A 151 -2.05 -4.73 -17.46
C CYS A 151 -3.39 -4.13 -17.90
N GLU A 152 -3.99 -3.33 -17.04
CA GLU A 152 -5.25 -2.70 -17.35
C GLU A 152 -6.45 -3.61 -17.14
N ARG A 153 -6.21 -4.91 -17.04
CA ARG A 153 -7.31 -5.83 -16.82
C ARG A 153 -7.49 -5.98 -15.31
N VAL A 154 -8.73 -6.13 -14.85
CA VAL A 154 -8.99 -6.30 -13.42
C VAL A 154 -9.35 -7.73 -13.10
N ARG A 155 -8.76 -8.29 -12.05
CA ARG A 155 -9.07 -9.67 -11.73
C ARG A 155 -9.40 -9.85 -10.26
N ASP A 156 -10.58 -10.37 -10.00
CA ASP A 156 -11.06 -10.61 -8.64
C ASP A 156 -10.33 -11.76 -7.99
N LEU A 157 -9.56 -11.46 -6.96
CA LEU A 157 -8.78 -12.44 -6.21
C LEU A 157 -9.62 -13.25 -5.24
N LEU A 158 -10.86 -12.84 -5.01
CA LEU A 158 -11.72 -13.53 -4.06
C LEU A 158 -12.81 -14.38 -4.74
N ASN A 159 -12.93 -14.25 -6.06
CA ASN A 159 -13.92 -15.00 -6.82
C ASN A 159 -13.33 -15.46 -8.16
N PRO A 160 -12.18 -16.16 -8.11
CA PRO A 160 -11.49 -16.66 -9.31
C PRO A 160 -12.41 -17.59 -10.14
N LYS A 161 -13.43 -18.14 -9.48
CA LYS A 161 -14.37 -19.03 -10.15
C LYS A 161 -15.10 -18.33 -11.29
N ASN A 162 -14.40 -17.42 -11.96
CA ASN A 162 -14.96 -16.69 -13.07
C ASN A 162 -13.85 -16.05 -13.89
N GLY A 164 -11.98 -13.80 -15.54
CA GLY A 164 -12.74 -12.59 -15.82
C GLY A 164 -11.91 -11.37 -16.17
N ASN A 165 -12.47 -10.52 -17.02
CA ASN A 165 -11.82 -9.29 -17.45
C ASN A 165 -12.29 -8.16 -16.53
N LEU A 166 -13.47 -8.35 -15.95
CA LEU A 166 -14.09 -7.38 -15.05
C LEU A 166 -13.79 -5.95 -15.48
N ARG A 167 -14.82 -5.29 -16.01
CA ARG A 167 -14.70 -3.94 -16.52
C ARG A 167 -14.68 -2.90 -15.41
N VAL A 168 -13.82 -1.89 -15.55
CA VAL A 168 -13.78 -0.81 -14.57
C VAL A 168 -14.78 0.16 -15.12
N ARG A 169 -15.65 0.65 -14.25
CA ARG A 169 -16.70 1.56 -14.69
C ARG A 169 -16.70 2.91 -14.01
N GLU A 170 -17.56 3.78 -14.49
CA GLU A 170 -17.68 5.12 -13.94
C GLU A 170 -19.15 5.43 -13.70
N HIS A 171 -19.58 5.27 -12.45
CA HIS A 171 -20.96 5.56 -12.09
C HIS A 171 -21.19 7.05 -12.36
N PRO A 172 -22.28 7.40 -13.08
CA PRO A 172 -22.56 8.80 -13.38
C PRO A 172 -22.51 9.68 -12.15
N LEU A 173 -22.93 9.13 -11.02
CA LEU A 173 -22.95 9.88 -9.79
C LEU A 173 -22.07 9.30 -8.68
N LEU A 174 -21.51 8.10 -8.90
CA LEU A 174 -20.67 7.47 -7.87
C LEU A 174 -19.26 7.01 -8.27
N GLY A 175 -18.61 7.77 -9.13
CA GLY A 175 -17.25 7.44 -9.56
C GLY A 175 -16.96 6.04 -10.08
N PRO A 176 -15.70 5.76 -10.43
CA PRO A 176 -15.24 4.46 -10.94
C PRO A 176 -15.41 3.25 -10.05
N TYR A 177 -15.59 2.09 -10.67
CA TYR A 177 -15.79 0.85 -9.94
C TYR A 177 -15.71 -0.36 -10.86
N VAL A 178 -15.14 -1.45 -10.36
CA VAL A 178 -15.01 -2.66 -11.15
C VAL A 178 -16.28 -3.49 -11.02
N GLU A 179 -17.13 -3.44 -12.04
CA GLU A 179 -18.39 -4.16 -12.01
C GLU A 179 -18.20 -5.66 -11.89
N ASP A 180 -19.02 -6.26 -11.03
CA ASP A 180 -19.00 -7.69 -10.76
C ASP A 180 -17.86 -8.12 -9.85
N LEU A 181 -17.11 -7.15 -9.34
CA LEU A 181 -16.00 -7.42 -8.43
C LEU A 181 -16.73 -7.72 -7.13
N SER A 182 -16.43 -8.85 -6.50
CA SER A 182 -17.14 -9.20 -5.26
C SER A 182 -16.75 -8.44 -4.00
N LYS A 183 -17.74 -8.20 -3.14
CA LYS A 183 -17.53 -7.52 -1.86
C LYS A 183 -18.10 -8.48 -0.83
N LEU A 184 -17.24 -8.94 0.08
CA LEU A 184 -17.66 -9.91 1.10
C LEU A 184 -17.69 -9.43 2.55
N ALA A 185 -18.90 -9.39 3.10
CA ALA A 185 -19.10 -8.95 4.47
C ALA A 185 -18.47 -9.92 5.45
N VAL A 186 -17.52 -9.42 6.23
CA VAL A 186 -16.85 -10.25 7.22
C VAL A 186 -17.22 -9.80 8.63
N THR A 187 -17.19 -10.75 9.55
CA THR A 187 -17.54 -10.46 10.92
C THR A 187 -16.46 -10.87 11.91
N SER A 188 -15.20 -10.70 11.52
CA SER A 188 -14.06 -11.05 12.37
C SER A 188 -12.73 -11.02 11.63
N TYR A 189 -11.64 -10.90 12.37
CA TYR A 189 -10.32 -10.89 11.75
C TYR A 189 -9.99 -12.24 11.14
N ASN A 190 -10.58 -13.29 11.67
CA ASN A 190 -10.35 -14.63 11.15
C ASN A 190 -10.95 -14.76 9.77
N ASP A 191 -12.21 -14.36 9.63
CA ASP A 191 -12.88 -14.45 8.34
C ASP A 191 -12.28 -13.54 7.30
N ILE A 192 -11.71 -12.41 7.73
CA ILE A 192 -11.11 -11.49 6.78
C ILE A 192 -9.68 -11.88 6.49
N GLN A 193 -9.13 -12.76 7.32
CA GLN A 193 -7.76 -13.24 7.17
C GLN A 193 -7.66 -14.37 6.15
N ASP A 194 -8.69 -15.21 6.10
CA ASP A 194 -8.70 -16.32 5.17
C ASP A 194 -8.76 -15.77 3.77
N LEU A 195 -9.68 -14.83 3.55
CA LEU A 195 -9.89 -14.17 2.26
C LEU A 195 -8.57 -13.65 1.69
N MET A 196 -7.70 -13.23 2.60
CA MET A 196 -6.39 -12.70 2.26
C MET A 196 -5.57 -13.79 1.57
N ASP A 197 -5.27 -14.84 2.31
CA ASP A 197 -4.48 -15.95 1.80
C ASP A 197 -5.10 -16.50 0.52
N SER A 198 -6.31 -17.04 0.60
CA SER A 198 -6.93 -17.59 -0.59
C SER A 198 -6.85 -16.60 -1.75
N GLY A 199 -6.81 -15.31 -1.42
CA GLY A 199 -6.73 -14.28 -2.43
C GLY A 199 -5.29 -14.01 -2.81
N ASN A 200 -4.39 -14.14 -1.84
CA ASN A 200 -2.98 -13.95 -2.08
C ASN A 200 -2.47 -14.75 -3.28
N LYS A 201 -2.19 -16.03 -3.06
CA LYS A 201 -1.67 -16.90 -4.13
C LYS A 201 -2.44 -16.79 -5.44
N PRO A 202 -3.59 -16.11 -5.39
CA PRO A 202 -4.41 -15.94 -6.56
C PRO A 202 -3.64 -15.14 -7.59
N ARG A 203 -3.12 -13.98 -7.19
CA ARG A 203 -2.34 -13.10 -8.10
C ARG A 203 -1.77 -13.84 -9.30
N THR A 204 -1.93 -13.23 -10.49
CA THR A 204 -1.48 -13.82 -11.76
C THR A 204 0.00 -14.24 -11.78
N ASN A 209 8.25 -15.03 -18.56
CA ASN A 209 9.12 -14.10 -17.85
C ASN A 209 9.45 -14.56 -16.44
N MET A 210 9.75 -13.60 -15.56
CA MET A 210 10.10 -13.86 -14.16
C MET A 210 9.26 -14.97 -13.53
N ASN A 211 9.68 -15.44 -12.37
CA ASN A 211 8.92 -16.50 -11.70
C ASN A 211 8.06 -15.95 -10.56
N GLU A 212 7.10 -16.75 -10.10
CA GLU A 212 6.18 -16.36 -9.05
C GLU A 212 5.57 -14.97 -9.35
N THR A 213 4.48 -14.61 -8.67
CA THR A 213 3.81 -13.32 -8.84
C THR A 213 4.39 -12.41 -9.92
N SER A 214 3.57 -12.11 -10.93
CA SER A 214 4.03 -11.27 -12.02
C SER A 214 4.46 -9.92 -11.55
N SER A 215 5.70 -9.59 -11.86
CA SER A 215 6.31 -8.33 -11.47
C SER A 215 5.38 -7.16 -11.80
N ARG A 216 4.71 -7.25 -12.94
CA ARG A 216 3.83 -6.20 -13.38
C ARG A 216 2.36 -6.45 -13.08
N SER A 217 1.98 -6.33 -11.80
CA SER A 217 0.58 -6.49 -11.38
C SER A 217 0.30 -5.62 -10.15
N HIS A 218 -0.85 -4.98 -10.13
CA HIS A 218 -1.22 -4.16 -9.00
C HIS A 218 -2.27 -4.95 -8.26
N ALA A 219 -2.19 -4.99 -6.93
CA ALA A 219 -3.17 -5.73 -6.13
C ALA A 219 -3.86 -4.84 -5.10
N VAL A 220 -5.07 -4.40 -5.43
CA VAL A 220 -5.86 -3.55 -4.53
C VAL A 220 -6.77 -4.37 -3.60
N PHE A 221 -6.66 -4.08 -2.31
CA PHE A 221 -7.40 -4.70 -1.25
C PHE A 221 -8.14 -3.54 -0.58
N ASN A 222 -9.45 -3.52 -0.75
CA ASN A 222 -10.24 -2.46 -0.19
C ASN A 222 -11.22 -2.91 0.87
N ILE A 223 -11.38 -2.09 1.90
CA ILE A 223 -12.31 -2.36 2.98
C ILE A 223 -13.28 -1.18 3.06
N ILE A 224 -14.59 -1.46 3.03
CA ILE A 224 -15.58 -0.41 3.16
C ILE A 224 -16.08 -0.40 4.63
N PHE A 225 -15.33 0.28 5.50
CA PHE A 225 -15.68 0.36 6.91
C PHE A 225 -16.95 1.20 7.12
N THR A 226 -18.03 0.55 7.56
CA THR A 226 -19.32 1.22 7.81
C THR A 226 -19.74 1.31 9.29
N GLN A 227 -19.89 2.54 9.79
CA GLN A 227 -20.29 2.75 11.18
C GLN A 227 -21.70 3.26 11.32
N LYS A 228 -22.44 2.61 12.21
CA LYS A 228 -23.82 2.96 12.50
C LYS A 228 -24.00 3.34 13.96
N ARG A 229 -24.38 4.59 14.20
CA ARG A 229 -24.60 5.09 15.56
C ARG A 229 -26.07 5.41 15.79
N HIS A 230 -26.70 4.66 16.70
CA HIS A 230 -28.12 4.85 17.02
C HIS A 230 -28.32 5.59 18.34
N ASP A 231 -29.56 5.98 18.62
CA ASP A 231 -29.87 6.69 19.85
C ASP A 231 -31.37 6.90 20.03
N ALA A 232 -31.91 6.47 21.18
CA ALA A 232 -33.33 6.63 21.46
C ALA A 232 -33.65 8.12 21.65
N GLU A 233 -34.26 8.72 20.63
CA GLU A 233 -34.60 10.14 20.69
C GLU A 233 -35.79 10.51 19.82
N ASN A 235 -34.00 10.80 16.81
CA ASN A 235 -34.17 9.36 16.97
C ASN A 235 -33.70 8.58 15.75
N ILE A 236 -32.72 9.11 15.03
CA ILE A 236 -32.23 8.42 13.86
C ILE A 236 -30.82 7.90 14.12
N THR A 237 -30.44 6.88 13.36
CA THR A 237 -29.11 6.27 13.45
C THR A 237 -28.23 6.95 12.41
N THR A 238 -27.10 7.47 12.85
CA THR A 238 -26.18 8.12 11.94
C THR A 238 -25.24 7.09 11.32
N GLU A 239 -24.97 7.28 10.02
CA GLU A 239 -24.11 6.39 9.26
C GLU A 239 -23.00 7.15 8.54
N LYS A 240 -21.79 6.70 8.77
CA LYS A 240 -20.64 7.30 8.13
C LYS A 240 -19.76 6.13 7.69
N VAL A 241 -19.47 6.07 6.39
CA VAL A 241 -18.66 5.01 5.82
C VAL A 241 -17.31 5.53 5.36
N SER A 242 -16.31 4.67 5.48
CA SER A 242 -14.93 4.98 5.09
C SER A 242 -14.45 3.88 4.14
N LYS A 243 -13.76 4.25 3.07
CA LYS A 243 -13.24 3.24 2.15
C LYS A 243 -11.73 3.11 2.38
N ILE A 244 -11.27 1.90 2.61
CA ILE A 244 -9.86 1.68 2.89
C ILE A 244 -9.17 0.92 1.76
N SER A 245 -8.32 1.66 1.05
CA SER A 245 -7.54 1.12 -0.07
C SER A 245 -6.07 0.92 0.35
N LEU A 246 -5.68 -0.35 0.45
CA LEU A 246 -4.32 -0.75 0.81
C LEU A 246 -3.81 -1.43 -0.45
N VAL A 247 -2.95 -0.74 -1.20
CA VAL A 247 -2.47 -1.30 -2.44
C VAL A 247 -1.02 -1.76 -2.49
N ASP A 248 -0.82 -2.67 -3.43
CA ASP A 248 0.47 -3.27 -3.67
C ASP A 248 0.77 -3.02 -5.15
N LEU A 249 1.38 -1.87 -5.43
CA LEU A 249 1.71 -1.51 -6.82
C LEU A 249 2.62 -2.54 -7.52
N ALA A 250 2.85 -2.28 -8.80
CA ALA A 250 3.69 -3.16 -9.63
C ALA A 250 5.15 -2.77 -9.52
N GLY A 251 6.04 -3.64 -9.97
CA GLY A 251 7.46 -3.31 -9.91
C GLY A 251 7.63 -2.05 -10.71
N SER A 252 8.20 -1.01 -10.11
CA SER A 252 8.41 0.25 -10.82
C SER A 252 9.48 0.07 -11.90
N GLU A 253 9.63 -1.18 -12.34
CA GLU A 253 10.57 -1.61 -13.36
C GLU A 253 12.01 -1.49 -12.86
N ASN A 270 3.06 -7.33 -18.08
CA ASN A 270 3.47 -7.19 -19.47
C ASN A 270 3.74 -5.74 -19.82
N ILE A 271 2.67 -4.96 -19.87
CA ILE A 271 2.76 -3.54 -20.21
C ILE A 271 2.65 -2.68 -18.96
N ASN A 272 1.71 -3.05 -18.09
CA ASN A 272 1.45 -2.37 -16.83
C ASN A 272 1.75 -0.88 -16.83
N LYS A 273 1.36 -0.23 -17.92
CA LYS A 273 1.56 1.19 -18.11
C LYS A 273 0.74 1.97 -17.12
N SER A 274 0.12 1.26 -16.20
CA SER A 274 -0.66 1.87 -15.16
C SER A 274 0.34 2.61 -14.30
N LEU A 275 1.33 1.87 -13.80
CA LEU A 275 2.34 2.45 -12.94
C LEU A 275 3.04 3.61 -13.62
N THR A 276 3.32 3.46 -14.92
CA THR A 276 3.99 4.53 -15.64
C THR A 276 3.02 5.71 -15.76
N THR A 277 1.75 5.38 -15.97
CA THR A 277 0.70 6.38 -16.09
C THR A 277 0.56 7.08 -14.74
N LEU A 278 0.94 6.38 -13.67
CA LEU A 278 0.87 6.93 -12.32
C LEU A 278 1.83 8.08 -12.21
N GLY A 279 3.11 7.80 -12.48
CA GLY A 279 4.14 8.82 -12.42
C GLY A 279 3.59 10.15 -12.86
N LYS A 280 2.82 10.12 -13.95
CA LYS A 280 2.22 11.32 -14.50
C LYS A 280 1.15 11.87 -13.54
N VAL A 281 0.32 10.98 -13.01
CA VAL A 281 -0.72 11.39 -12.07
C VAL A 281 -0.02 11.75 -10.76
N ILE A 282 0.97 10.96 -10.36
CA ILE A 282 1.71 11.22 -9.14
C ILE A 282 2.21 12.65 -9.15
N SER A 283 2.60 13.15 -10.31
CA SER A 283 3.09 14.52 -10.42
C SER A 283 1.90 15.45 -10.27
N ALA A 284 2.14 16.75 -10.40
CA ALA A 284 1.08 17.74 -10.25
C ALA A 284 0.28 17.37 -9.00
N LEU A 285 0.94 17.51 -7.85
CA LEU A 285 0.36 17.20 -6.55
C LEU A 285 -0.72 18.17 -6.08
N ALA A 286 -0.64 18.58 -4.81
CA ALA A 286 -1.61 19.54 -4.26
C ALA A 286 -1.46 19.61 -2.76
N PHE A 303 -3.64 19.47 -16.57
CA PHE A 303 -4.66 18.54 -16.11
C PHE A 303 -4.02 17.24 -15.63
N ILE A 304 -4.85 16.21 -15.43
CA ILE A 304 -4.37 14.91 -14.97
C ILE A 304 -4.99 13.73 -15.73
N PRO A 305 -4.17 13.02 -16.55
CA PRO A 305 -4.62 11.87 -17.34
C PRO A 305 -5.07 10.68 -16.47
N TYR A 306 -6.13 10.91 -15.70
CA TYR A 306 -6.68 9.91 -14.81
C TYR A 306 -7.21 8.65 -15.47
N ARG A 307 -7.73 8.78 -16.67
CA ARG A 307 -8.30 7.63 -17.38
C ARG A 307 -7.31 6.90 -18.30
N ASP A 308 -6.04 7.30 -18.27
CA ASP A 308 -5.05 6.65 -19.10
C ASP A 308 -4.64 5.30 -18.55
N SER A 309 -5.16 4.96 -17.37
CA SER A 309 -4.85 3.68 -16.74
C SER A 309 -5.85 3.28 -15.66
N VAL A 310 -6.32 2.04 -15.76
CA VAL A 310 -7.26 1.45 -14.81
C VAL A 310 -6.94 1.83 -13.36
N LEU A 311 -5.67 1.75 -13.00
CA LEU A 311 -5.26 2.07 -11.64
C LEU A 311 -5.41 3.52 -11.30
N THR A 312 -4.91 4.40 -12.18
CA THR A 312 -5.00 5.83 -11.94
C THR A 312 -6.45 6.30 -11.89
N TRP A 313 -7.26 5.71 -12.76
CA TRP A 313 -8.69 6.02 -12.84
C TRP A 313 -9.41 5.51 -11.59
N LEU A 314 -9.27 4.21 -11.33
CA LEU A 314 -9.93 3.57 -10.20
C LEU A 314 -9.66 4.28 -8.85
N LEU A 315 -8.40 4.38 -8.46
CA LEU A 315 -8.06 5.05 -7.21
C LEU A 315 -8.02 6.56 -7.47
N ARG A 316 -8.96 7.04 -8.27
CA ARG A 316 -9.04 8.45 -8.59
C ARG A 316 -9.14 9.36 -7.38
N GLU A 317 -9.92 8.93 -6.39
CA GLU A 317 -10.12 9.70 -5.17
C GLU A 317 -8.92 9.69 -4.23
N ASN A 318 -8.11 8.64 -4.31
CA ASN A 318 -6.95 8.54 -3.45
C ASN A 318 -5.80 9.37 -4.00
N GLY A 321 -7.62 13.54 -4.80
CA GLY A 321 -9.02 13.49 -4.45
C GLY A 321 -9.34 13.53 -2.95
N ASN A 322 -10.58 13.21 -2.61
CA ASN A 322 -11.02 13.19 -1.21
C ASN A 322 -10.55 11.90 -0.50
N SER A 323 -9.38 11.96 0.13
CA SER A 323 -8.87 10.79 0.82
C SER A 323 -7.63 11.17 1.62
N ARG A 324 -7.26 10.31 2.56
CA ARG A 324 -6.06 10.50 3.37
C ARG A 324 -5.09 9.41 2.92
N THR A 325 -4.16 9.77 2.05
CA THR A 325 -3.21 8.80 1.50
C THR A 325 -1.82 8.71 2.10
N ALA A 326 -1.28 7.49 2.11
CA ALA A 326 0.06 7.22 2.60
C ALA A 326 0.82 6.41 1.56
N MET A 327 2.08 6.76 1.35
CA MET A 327 2.92 6.03 0.42
C MET A 327 4.18 5.51 1.11
N VAL A 328 4.37 4.20 1.04
CA VAL A 328 5.55 3.56 1.61
C VAL A 328 6.39 3.11 0.41
N ALA A 329 7.53 3.74 0.20
CA ALA A 329 8.41 3.39 -0.91
C ALA A 329 9.40 2.30 -0.44
N ALA A 330 9.37 1.16 -1.13
CA ALA A 330 10.27 0.06 -0.79
C ALA A 330 11.58 0.18 -1.56
N LEU A 331 12.68 0.28 -0.80
CA LEU A 331 14.04 0.42 -1.33
C LEU A 331 14.97 -0.76 -1.05
N SER A 332 15.83 -1.06 -2.03
CA SER A 332 16.84 -2.12 -1.97
C SER A 332 18.16 -1.46 -1.53
N PRO A 333 18.90 -2.09 -0.59
CA PRO A 333 20.15 -1.50 -0.12
C PRO A 333 21.26 -1.65 -1.14
N ALA A 334 20.99 -2.49 -2.13
CA ALA A 334 21.94 -2.81 -3.21
C ALA A 334 22.44 -1.64 -4.03
N ASP A 335 23.74 -1.65 -4.29
CA ASP A 335 24.40 -0.64 -5.09
C ASP A 335 23.99 -0.91 -6.54
N ILE A 336 23.85 -2.20 -6.86
CA ILE A 336 23.47 -2.65 -8.19
C ILE A 336 22.10 -2.18 -8.59
N ASN A 337 21.47 -1.39 -7.73
CA ASN A 337 20.15 -0.86 -8.01
C ASN A 337 20.13 0.64 -8.01
N TYR A 338 21.33 1.22 -8.08
CA TYR A 338 21.55 2.66 -8.14
C TYR A 338 20.39 3.47 -8.72
N ASP A 339 20.18 3.30 -10.03
CA ASP A 339 19.14 4.00 -10.77
C ASP A 339 17.74 3.75 -10.23
N GLU A 340 17.34 2.47 -10.21
CA GLU A 340 16.02 2.06 -9.72
C GLU A 340 15.70 2.59 -8.33
N THR A 341 16.65 2.40 -7.43
CA THR A 341 16.53 2.85 -6.04
C THR A 341 16.45 4.38 -5.98
N LEU A 342 17.23 5.09 -6.80
CA LEU A 342 17.21 6.55 -6.83
C LEU A 342 15.91 7.04 -7.39
N SER A 343 15.47 6.42 -8.46
CA SER A 343 14.21 6.76 -9.10
C SER A 343 13.12 6.83 -8.05
N THR A 344 12.83 5.70 -7.42
CA THR A 344 11.81 5.61 -6.38
C THR A 344 11.88 6.82 -5.44
N LEU A 345 13.06 7.04 -4.83
CA LEU A 345 13.30 8.17 -3.92
C LEU A 345 12.77 9.46 -4.52
N ARG A 346 13.21 9.78 -5.74
CA ARG A 346 12.76 10.97 -6.44
C ARG A 346 11.22 10.90 -6.55
N TYR A 347 10.68 9.70 -6.77
CA TYR A 347 9.24 9.54 -6.85
C TYR A 347 8.61 9.80 -5.50
N ALA A 348 9.20 9.22 -4.47
CA ALA A 348 8.73 9.38 -3.11
C ALA A 348 8.80 10.84 -2.68
N ASP A 349 9.79 11.56 -3.18
CA ASP A 349 9.95 12.97 -2.84
C ASP A 349 8.85 13.82 -3.46
N ARG A 350 8.41 13.45 -4.66
CA ARG A 350 7.35 14.18 -5.33
C ARG A 350 6.02 13.87 -4.69
N ALA A 351 5.74 12.59 -4.49
CA ALA A 351 4.47 12.15 -3.88
C ALA A 351 4.24 12.94 -2.59
N LYS A 352 5.26 12.99 -1.74
CA LYS A 352 5.15 13.72 -0.47
C LYS A 352 4.65 15.13 -0.73
N GLN A 353 5.05 15.69 -1.86
CA GLN A 353 4.61 17.04 -2.20
C GLN A 353 3.09 17.14 -2.47
N ILE A 354 2.42 15.98 -2.57
CA ILE A 354 0.96 15.95 -2.78
C ILE A 354 0.28 16.39 -1.50
N ARG A 355 -1.04 16.42 -1.53
CA ARG A 355 -1.85 16.77 -0.39
C ARG A 355 -3.33 16.48 -0.68
N ASN A 356 -3.56 15.46 -1.50
CA ASN A 356 -4.90 15.01 -1.88
C ASN A 356 -5.63 16.03 -2.74
PB ADP B . 8.26 -6.87 -3.94
O1B ADP B . 8.29 -7.96 -5.00
O2B ADP B . 8.72 -5.57 -4.54
O3B ADP B . 6.88 -6.69 -3.35
PA ADP B . 9.15 -8.31 -1.49
O1A ADP B . 8.30 -7.71 -0.41
O2A ADP B . 8.55 -9.61 -1.94
O3A ADP B . 9.26 -7.33 -2.76
O5' ADP B . 10.59 -8.56 -0.86
C5' ADP B . 10.99 -9.88 -1.15
C4' ADP B . 11.83 -10.54 -0.13
O4' ADP B . 12.71 -9.63 0.48
C3' ADP B . 11.08 -11.31 0.96
O3' ADP B . 11.13 -12.74 0.67
C2' ADP B . 11.74 -10.81 2.27
O2' ADP B . 12.36 -11.82 3.12
C1' ADP B . 12.74 -9.72 1.85
N9 ADP B . 12.44 -8.42 2.45
C8 ADP B . 11.94 -7.30 1.89
N7 ADP B . 11.72 -6.30 2.79
C5 ADP B . 12.09 -6.85 4.01
C6 ADP B . 12.10 -6.33 5.36
N6 ADP B . 11.71 -5.10 5.69
N1 ADP B . 12.56 -7.17 6.36
C2 ADP B . 12.97 -8.46 6.03
N3 ADP B . 12.99 -9.01 4.84
C4 ADP B . 12.53 -8.16 3.84
#